data_7S0P
#
_entry.id   7S0P
#
_cell.length_a   49.072
_cell.length_b   68.323
_cell.length_c   105.987
_cell.angle_alpha   90.000
_cell.angle_beta   90.000
_cell.angle_gamma   90.000
#
_symmetry.space_group_name_H-M   'I 2 2 2'
#
loop_
_entity.id
_entity.type
_entity.pdbx_description
1 polymer 'Coagulation factor VIII'
2 non-polymer PHOSPHOSERINE
3 water water
#
_entity_poly.entity_id   1
_entity_poly.type   'polypeptide(L)'
_entity_poly.pdbx_seq_one_letter_code
;SCSMPLGMQNKAISDSQITASSHLSNIFATWSPSQARLHLQGRTNAWRPRVSSAEEWLQVDLQKTVKVTGITTQGVKSLL
SSMYVKEFLVSSSQDGRRWTLFLQDGHTKVFQGNQDSSTPVVNALDPPLFTRYLRIHPTSWAQHIALRLEVLGCEAA
;
_entity_poly.pdbx_strand_id   M
#
# COMPACT_ATOMS: atom_id res chain seq x y z
N SER A 1 12.79 -14.54 -11.94
CA SER A 1 11.69 -14.04 -12.74
C SER A 1 11.28 -12.62 -12.32
N CYS A 2 12.20 -11.92 -11.70
CA CYS A 2 12.00 -10.54 -11.24
C CYS A 2 10.65 -10.39 -10.54
N SER A 3 10.48 -11.15 -9.46
CA SER A 3 9.23 -11.09 -8.72
C SER A 3 9.47 -11.24 -7.22
N MET A 4 10.64 -10.81 -6.75
N MET A 4 10.61 -10.83 -6.75
CA MET A 4 11.03 -10.93 -5.35
CA MET A 4 10.87 -11.04 -5.34
C MET A 4 10.38 -9.83 -4.51
C MET A 4 10.40 -9.85 -4.50
N PRO A 5 10.04 -10.11 -3.25
CA PRO A 5 9.64 -9.02 -2.36
C PRO A 5 10.75 -8.01 -2.19
N LEU A 6 10.38 -6.73 -2.20
CA LEU A 6 11.35 -5.64 -2.11
C LEU A 6 11.57 -5.11 -0.71
N GLY A 7 10.77 -5.52 0.27
CA GLY A 7 11.11 -5.22 1.65
C GLY A 7 10.02 -4.71 2.56
N MET A 8 8.74 -4.77 2.18
CA MET A 8 7.69 -4.36 3.11
C MET A 8 7.55 -5.35 4.26
N GLN A 9 7.45 -6.64 3.95
CA GLN A 9 7.28 -7.64 5.01
C GLN A 9 8.53 -7.73 5.90
N ASN A 10 9.73 -7.72 5.31
CA ASN A 10 10.96 -8.02 6.02
C ASN A 10 11.74 -6.80 6.48
N LYS A 11 11.21 -5.59 6.26
CA LYS A 11 11.79 -4.33 6.72
C LYS A 11 13.05 -3.91 5.98
N ALA A 12 13.37 -4.51 4.84
CA ALA A 12 14.39 -3.89 3.98
C ALA A 12 13.93 -2.53 3.50
N ILE A 13 12.62 -2.30 3.42
CA ILE A 13 12.03 -0.97 3.25
C ILE A 13 11.75 -0.45 4.66
N SER A 14 12.46 0.60 5.07
CA SER A 14 12.38 1.10 6.44
C SER A 14 11.10 1.91 6.64
N ASP A 15 10.75 2.13 7.91
CA ASP A 15 9.53 2.86 8.23
C ASP A 15 9.52 4.23 7.56
N SER A 16 10.66 4.91 7.54
CA SER A 16 10.72 6.28 7.00
CA SER A 16 10.73 6.27 7.01
C SER A 16 10.52 6.34 5.49
N GLN A 17 10.62 5.21 4.79
CA GLN A 17 10.37 5.15 3.36
C GLN A 17 8.89 5.06 3.02
N ILE A 18 8.01 4.86 4.00
CA ILE A 18 6.59 4.67 3.77
C ILE A 18 5.85 5.88 4.31
N THR A 19 5.06 6.54 3.47
CA THR A 19 4.30 7.73 3.87
C THR A 19 2.89 7.61 3.28
N ALA A 20 2.03 8.59 3.56
CA ALA A 20 0.66 8.53 3.07
C ALA A 20 0.04 9.93 3.03
N SER A 21 -1.11 10.00 2.34
CA SER A 21 -1.88 11.24 2.31
C SER A 21 -2.34 11.64 3.70
N SER A 22 -2.65 10.67 4.55
CA SER A 22 -3.13 10.91 5.91
C SER A 22 -3.09 9.56 6.63
N HIS A 23 -3.24 9.58 7.94
CA HIS A 23 -3.41 8.33 8.67
C HIS A 23 -4.29 8.56 9.89
N LEU A 24 -4.93 7.47 10.34
CA LEU A 24 -5.87 7.48 11.44
C LEU A 24 -5.14 7.32 12.78
N SER A 25 -5.57 8.08 13.79
N SER A 25 -5.27 8.35 13.61
CA SER A 25 -5.13 7.82 15.17
CA SER A 25 -4.51 8.49 14.83
C SER A 25 -6.33 7.62 16.09
C SER A 25 -5.31 9.37 15.78
N ASN A 26 -6.18 6.75 17.09
N ASN A 26 -5.45 8.92 17.01
CA ASN A 26 -7.11 6.67 18.21
CA ASN A 26 -6.12 9.69 18.04
C ASN A 26 -6.41 7.11 19.49
C ASN A 26 -5.46 9.32 19.37
N ILE A 27 -7.11 7.01 20.61
N ILE A 27 -6.17 9.53 20.47
CA ILE A 27 -6.58 7.58 21.85
CA ILE A 27 -5.56 9.29 21.78
C ILE A 27 -5.27 6.93 22.25
C ILE A 27 -5.50 7.81 22.13
N PHE A 28 -5.07 5.65 21.90
N PHE A 28 -6.02 6.92 21.30
CA PHE A 28 -3.92 4.91 22.39
CA PHE A 28 -5.90 5.48 21.52
C PHE A 28 -2.93 4.49 21.32
C PHE A 28 -4.96 4.80 20.53
N ALA A 29 -3.35 4.28 20.08
N ALA A 29 -5.18 5.00 19.22
CA ALA A 29 -2.42 3.90 19.02
CA ALA A 29 -4.61 4.13 18.20
C ALA A 29 -2.86 4.52 17.70
C ALA A 29 -3.86 4.94 17.15
N THR A 30 -2.06 4.28 16.68
N THR A 30 -2.92 4.26 16.50
CA THR A 30 -2.13 4.97 15.41
CA THR A 30 -2.13 4.81 15.39
C THR A 30 -1.99 3.94 14.31
C THR A 30 -1.85 3.88 14.21
N TRP A 31 -2.71 4.16 13.21
N TRP A 31 -2.72 3.93 13.21
CA TRP A 31 -2.64 3.26 12.07
CA TRP A 31 -2.60 3.06 12.04
C TRP A 31 -1.69 3.86 11.03
C TRP A 31 -1.68 3.73 11.02
N SER A 32 -0.41 3.82 11.38
CA SER A 32 0.61 4.61 10.69
CA SER A 32 0.50 4.67 10.65
C SER A 32 0.87 4.05 9.30
N PRO A 33 1.37 4.88 8.37
CA PRO A 33 1.74 4.35 7.04
C PRO A 33 2.68 3.16 7.12
N SER A 34 3.65 3.20 8.03
CA SER A 34 4.65 2.14 8.12
C SER A 34 4.10 0.85 8.72
N GLN A 35 2.83 0.81 9.11
CA GLN A 35 2.16 -0.42 9.48
C GLN A 35 1.61 -1.18 8.26
N ALA A 36 1.77 -0.66 7.04
CA ALA A 36 1.23 -1.27 5.84
C ALA A 36 2.09 -2.41 5.31
N ARG A 37 2.42 -3.38 6.15
CA ARG A 37 3.37 -4.43 5.81
C ARG A 37 2.67 -5.79 5.75
N LEU A 38 2.87 -6.49 4.62
CA LEU A 38 2.24 -7.78 4.41
C LEU A 38 2.45 -8.70 5.61
N HIS A 39 1.36 -9.32 6.08
CA HIS A 39 1.35 -10.32 7.14
C HIS A 39 1.63 -9.76 8.54
N LEU A 40 1.76 -8.45 8.70
CA LEU A 40 2.01 -7.88 10.01
C LEU A 40 0.88 -8.19 10.97
N GLN A 41 1.24 -8.55 12.20
CA GLN A 41 0.30 -8.77 13.28
C GLN A 41 0.61 -7.79 14.41
N GLY A 42 0.11 -8.04 15.61
CA GLY A 42 0.22 -7.06 16.66
C GLY A 42 -0.81 -5.96 16.53
N ARG A 43 -0.63 -4.94 17.35
CA ARG A 43 -1.62 -3.86 17.44
C ARG A 43 -1.60 -2.96 16.20
N THR A 44 -2.78 -2.46 15.84
CA THR A 44 -2.99 -1.51 14.75
C THR A 44 -2.11 -1.83 13.54
N ASN A 45 -2.30 -3.05 13.06
CA ASN A 45 -1.41 -3.70 12.10
C ASN A 45 -1.79 -3.45 10.64
N ALA A 46 -2.05 -2.18 10.31
CA ALA A 46 -2.29 -1.80 8.92
C ALA A 46 -2.20 -0.28 8.84
N TRP A 47 -2.04 0.24 7.63
CA TRP A 47 -2.30 1.66 7.40
C TRP A 47 -3.79 1.87 7.21
N ARG A 48 -4.32 2.90 7.87
CA ARG A 48 -5.66 3.41 7.60
C ARG A 48 -5.56 4.92 7.43
N PRO A 49 -6.18 5.50 6.40
CA PRO A 49 -6.25 6.96 6.29
C PRO A 49 -7.16 7.52 7.37
N ARG A 50 -7.06 8.84 7.62
N ARG A 50 -7.01 8.83 7.60
CA ARG A 50 -7.89 9.43 8.67
CA ARG A 50 -7.82 9.55 8.58
C ARG A 50 -9.37 9.39 8.31
C ARG A 50 -9.31 9.34 8.29
N VAL A 51 -9.71 9.52 7.03
CA VAL A 51 -11.06 9.30 6.56
C VAL A 51 -10.94 8.50 5.29
N SER A 52 -11.93 7.64 5.03
CA SER A 52 -11.96 6.85 3.82
C SER A 52 -12.62 7.65 2.70
N SER A 53 -11.83 8.09 1.73
CA SER A 53 -12.28 8.77 0.52
C SER A 53 -11.51 8.19 -0.65
N ALA A 54 -11.83 8.67 -1.86
CA ALA A 54 -11.11 8.26 -3.05
C ALA A 54 -9.90 9.14 -3.35
N GLU A 55 -9.51 10.01 -2.41
CA GLU A 55 -8.35 10.88 -2.58
C GLU A 55 -7.19 10.52 -1.69
N GLU A 56 -7.19 9.34 -1.11
CA GLU A 56 -6.10 8.93 -0.23
C GLU A 56 -5.09 8.06 -0.99
N TRP A 57 -3.89 7.92 -0.40
CA TRP A 57 -2.87 7.11 -1.03
C TRP A 57 -1.83 6.71 0.01
N LEU A 58 -1.20 5.58 -0.28
CA LEU A 58 -0.05 5.07 0.47
CA LEU A 58 -0.06 5.07 0.47
C LEU A 58 1.13 5.09 -0.48
N GLN A 59 2.24 5.71 -0.04
CA GLN A 59 3.43 5.90 -0.85
C GLN A 59 4.62 5.11 -0.30
N VAL A 60 5.38 4.50 -1.21
CA VAL A 60 6.65 3.85 -0.90
C VAL A 60 7.76 4.51 -1.73
N ASP A 61 8.81 4.95 -1.05
CA ASP A 61 10.03 5.42 -1.70
C ASP A 61 11.05 4.29 -1.65
N LEU A 62 11.33 3.67 -2.80
CA LEU A 62 12.28 2.57 -2.87
C LEU A 62 13.73 3.05 -2.81
N GLN A 63 13.96 4.35 -2.88
CA GLN A 63 15.26 5.01 -2.73
C GLN A 63 16.21 4.81 -3.91
N LYS A 64 15.83 4.07 -4.93
CA LYS A 64 16.64 3.88 -6.14
C LYS A 64 15.70 3.38 -7.22
N THR A 65 16.16 3.41 -8.47
CA THR A 65 15.40 2.81 -9.56
C THR A 65 15.31 1.30 -9.37
N VAL A 66 14.09 0.79 -9.43
CA VAL A 66 13.80 -0.63 -9.33
C VAL A 66 12.87 -0.99 -10.48
N LYS A 67 13.02 -2.22 -10.97
CA LYS A 67 12.02 -2.78 -11.88
C LYS A 67 10.91 -3.40 -11.03
N VAL A 68 9.75 -2.75 -11.00
CA VAL A 68 8.60 -3.17 -10.21
C VAL A 68 7.64 -3.93 -11.11
N THR A 69 7.41 -5.19 -10.75
CA THR A 69 6.60 -6.09 -11.57
C THR A 69 5.29 -6.49 -10.92
N GLY A 70 5.05 -6.14 -9.65
CA GLY A 70 3.81 -6.53 -9.02
C GLY A 70 3.63 -5.85 -7.68
N ILE A 71 2.39 -5.94 -7.20
N ILE A 71 2.38 -5.83 -7.24
CA ILE A 71 1.95 -5.36 -5.92
CA ILE A 71 2.11 -5.48 -5.86
C ILE A 71 1.04 -6.37 -5.24
C ILE A 71 1.23 -6.58 -5.28
N THR A 72 1.30 -6.67 -3.96
CA THR A 72 0.47 -7.58 -3.19
C THR A 72 -0.24 -6.79 -2.12
N THR A 73 -1.55 -7.01 -1.97
CA THR A 73 -2.34 -6.29 -1.00
C THR A 73 -3.09 -7.25 -0.09
N GLN A 74 -3.38 -6.74 1.10
CA GLN A 74 -4.10 -7.43 2.15
C GLN A 74 -4.88 -6.36 2.91
N GLY A 75 -5.98 -6.76 3.54
CA GLY A 75 -6.74 -5.92 4.44
C GLY A 75 -6.33 -6.14 5.89
N VAL A 76 -7.26 -5.93 6.80
CA VAL A 76 -7.02 -6.21 8.23
C VAL A 76 -8.34 -6.45 8.92
N LYS A 77 -8.30 -7.23 9.99
CA LYS A 77 -9.47 -7.40 10.83
C LYS A 77 -9.19 -6.74 12.18
N SER A 78 -10.16 -5.96 12.66
N SER A 78 -10.14 -5.94 12.65
CA SER A 78 -10.08 -5.29 13.96
CA SER A 78 -10.08 -5.38 13.98
C SER A 78 -11.45 -5.28 14.59
C SER A 78 -11.35 -5.77 14.74
N LEU A 79 -11.51 -5.21 15.93
CA LEU A 79 -12.72 -5.43 16.71
C LEU A 79 -13.98 -5.24 15.88
N LEU A 80 -14.04 -4.17 15.10
CA LEU A 80 -15.14 -3.94 14.17
C LEU A 80 -15.02 -4.74 12.88
N SER A 81 -14.52 -5.97 12.97
CA SER A 81 -14.43 -6.88 11.84
C SER A 81 -13.52 -6.43 10.69
N SER A 82 -13.92 -6.77 9.46
CA SER A 82 -13.01 -6.85 8.33
C SER A 82 -13.02 -5.57 7.51
N MET A 83 -11.85 -5.03 7.27
CA MET A 83 -11.66 -3.87 6.43
C MET A 83 -10.69 -4.23 5.33
N TYR A 84 -10.96 -3.80 4.11
CA TYR A 84 -10.07 -4.12 3.01
C TYR A 84 -10.36 -3.22 1.82
N VAL A 85 -9.32 -3.03 1.01
CA VAL A 85 -9.42 -2.30 -0.25
C VAL A 85 -9.82 -3.29 -1.34
N LYS A 86 -10.96 -3.01 -2.00
CA LYS A 86 -11.49 -3.85 -3.06
C LYS A 86 -10.94 -3.50 -4.44
N GLU A 87 -10.65 -2.22 -4.69
CA GLU A 87 -10.14 -1.77 -5.98
C GLU A 87 -9.21 -0.59 -5.72
N PHE A 88 -8.18 -0.45 -6.56
CA PHE A 88 -7.25 0.64 -6.41
C PHE A 88 -6.63 1.01 -7.75
N LEU A 89 -6.07 2.22 -7.80
CA LEU A 89 -5.20 2.68 -8.89
C LEU A 89 -3.76 2.70 -8.39
N VAL A 90 -2.81 2.78 -9.33
CA VAL A 90 -1.39 2.88 -9.05
C VAL A 90 -0.84 4.09 -9.79
N SER A 91 0.00 4.87 -9.10
CA SER A 91 0.80 5.90 -9.75
C SER A 91 2.26 5.74 -9.34
N SER A 92 3.16 6.33 -10.10
CA SER A 92 4.59 6.17 -9.85
C SER A 92 5.34 7.43 -10.24
N SER A 93 6.59 7.53 -9.78
CA SER A 93 7.37 8.75 -9.98
C SER A 93 8.84 8.43 -9.83
N GLN A 94 9.69 9.21 -10.52
CA GLN A 94 11.12 9.15 -10.30
C GLN A 94 11.59 10.13 -9.23
N ASP A 95 10.86 11.23 -9.04
CA ASP A 95 11.31 12.31 -8.17
C ASP A 95 10.38 12.61 -7.01
N GLY A 96 9.22 11.97 -6.92
CA GLY A 96 8.27 12.22 -5.86
C GLY A 96 7.41 13.45 -6.06
N ARG A 97 7.58 14.17 -7.16
CA ARG A 97 6.84 15.39 -7.45
C ARG A 97 5.85 15.21 -8.58
N ARG A 98 6.28 14.59 -9.68
CA ARG A 98 5.45 14.39 -10.87
C ARG A 98 5.07 12.92 -10.94
N TRP A 99 3.76 12.64 -10.99
CA TRP A 99 3.24 11.29 -10.87
C TRP A 99 2.59 10.84 -12.17
N THR A 100 2.80 9.58 -12.52
CA THR A 100 2.24 8.95 -13.71
C THR A 100 1.25 7.86 -13.30
N LEU A 101 0.01 7.98 -13.73
CA LEU A 101 -1.01 6.99 -13.45
C LEU A 101 -0.82 5.76 -14.34
N PHE A 102 -0.93 4.57 -13.74
CA PHE A 102 -0.78 3.32 -14.46
C PHE A 102 -2.00 3.05 -15.36
N LEU A 103 -1.75 2.73 -16.62
CA LEU A 103 -2.78 2.56 -17.63
C LEU A 103 -2.85 1.13 -18.15
N GLN A 104 -4.01 0.78 -18.70
CA GLN A 104 -4.20 -0.44 -19.47
C GLN A 104 -4.99 -0.08 -20.71
N ASP A 105 -4.44 -0.40 -21.87
CA ASP A 105 -5.07 -0.10 -23.15
C ASP A 105 -5.36 1.38 -23.30
N GLY A 106 -4.47 2.21 -22.76
CA GLY A 106 -4.58 3.65 -22.87
C GLY A 106 -5.50 4.31 -21.88
N HIS A 107 -6.12 3.53 -20.98
CA HIS A 107 -7.06 4.04 -20.01
C HIS A 107 -6.62 3.68 -18.61
N THR A 108 -7.12 4.43 -17.64
CA THR A 108 -6.78 4.17 -16.26
C THR A 108 -7.03 2.72 -15.90
N LYS A 109 -6.04 2.06 -15.28
CA LYS A 109 -6.20 0.68 -14.85
C LYS A 109 -6.79 0.64 -13.45
N VAL A 110 -7.91 -0.05 -13.31
CA VAL A 110 -8.47 -0.37 -11.99
C VAL A 110 -8.01 -1.78 -11.63
N PHE A 111 -7.22 -1.87 -10.56
CA PHE A 111 -6.77 -3.16 -10.05
C PHE A 111 -7.82 -3.73 -9.11
N GLN A 112 -8.12 -5.03 -9.29
CA GLN A 112 -8.97 -5.76 -8.36
C GLN A 112 -8.12 -6.23 -7.19
N GLY A 113 -8.50 -5.78 -5.99
CA GLY A 113 -7.76 -6.07 -4.78
C GLY A 113 -8.38 -7.18 -3.97
N ASN A 114 -8.67 -6.89 -2.71
CA ASN A 114 -9.04 -7.92 -1.75
C ASN A 114 -10.55 -8.12 -1.64
N GLN A 115 -10.91 -9.29 -1.10
CA GLN A 115 -12.28 -9.66 -0.84
C GLN A 115 -12.45 -10.19 0.57
N ASP A 116 -11.41 -10.08 1.38
CA ASP A 116 -11.45 -10.46 2.78
C ASP A 116 -10.30 -9.72 3.48
N SER A 117 -10.16 -9.95 4.78
CA SER A 117 -9.18 -9.23 5.58
C SER A 117 -7.78 -9.82 5.54
N SER A 118 -7.62 -11.12 5.24
CA SER A 118 -6.34 -11.77 5.46
C SER A 118 -5.70 -12.41 4.25
N THR A 119 -6.42 -12.67 3.15
CA THR A 119 -5.79 -13.36 2.02
C THR A 119 -5.00 -12.36 1.18
N PRO A 120 -3.71 -12.61 0.90
CA PRO A 120 -2.99 -11.70 0.01
C PRO A 120 -3.43 -11.90 -1.43
N VAL A 121 -3.49 -10.80 -2.17
CA VAL A 121 -3.84 -10.80 -3.59
C VAL A 121 -2.67 -10.15 -4.33
N VAL A 122 -2.11 -10.86 -5.31
CA VAL A 122 -0.98 -10.38 -6.10
C VAL A 122 -1.51 -9.83 -7.42
N ASN A 123 -1.08 -8.61 -7.75
CA ASN A 123 -1.41 -7.98 -9.03
C ASN A 123 -0.12 -7.73 -9.81
N ALA A 124 -0.03 -8.30 -11.00
CA ALA A 124 1.10 -8.02 -11.89
C ALA A 124 0.98 -6.62 -12.47
N LEU A 125 2.14 -6.00 -12.71
CA LEU A 125 2.23 -4.74 -13.44
C LEU A 125 2.84 -5.06 -14.80
N ASP A 126 2.04 -4.92 -15.84
CA ASP A 126 2.46 -5.18 -17.20
C ASP A 126 1.93 -4.05 -18.05
N PRO A 127 2.78 -3.20 -18.63
CA PRO A 127 4.24 -3.26 -18.58
C PRO A 127 4.78 -2.95 -17.19
N PRO A 128 5.92 -3.53 -16.84
CA PRO A 128 6.53 -3.24 -15.54
C PRO A 128 6.99 -1.79 -15.47
N LEU A 129 7.17 -1.32 -14.25
CA LEU A 129 7.65 0.02 -14.00
C LEU A 129 9.14 0.01 -13.71
N PHE A 130 9.87 0.95 -14.27
CA PHE A 130 11.24 1.26 -13.85
C PHE A 130 11.12 2.58 -13.10
N THR A 131 11.11 2.51 -11.78
CA THR A 131 10.67 3.65 -10.99
C THR A 131 11.32 3.64 -9.61
N ARG A 132 11.24 4.78 -8.94
CA ARG A 132 11.70 4.91 -7.56
C ARG A 132 10.55 4.97 -6.56
N TYR A 133 9.48 5.70 -6.84
CA TYR A 133 8.36 5.87 -5.94
C TYR A 133 7.10 5.22 -6.50
N LEU A 134 6.27 4.70 -5.61
CA LEU A 134 4.98 4.09 -5.95
CA LEU A 134 4.99 4.08 -5.95
C LEU A 134 3.93 4.61 -4.99
N ARG A 135 2.72 4.82 -5.52
CA ARG A 135 1.53 5.13 -4.72
C ARG A 135 0.40 4.18 -5.06
N ILE A 136 -0.30 3.73 -4.02
CA ILE A 136 -1.53 2.96 -4.12
C ILE A 136 -2.69 3.87 -3.76
N HIS A 137 -3.68 3.97 -4.65
CA HIS A 137 -4.84 4.86 -4.50
C HIS A 137 -6.11 4.03 -4.35
N PRO A 138 -6.62 3.80 -3.14
CA PRO A 138 -7.87 3.03 -3.00
C PRO A 138 -9.03 3.74 -3.67
N THR A 139 -9.83 2.99 -4.40
CA THR A 139 -11.04 3.53 -5.03
C THR A 139 -12.33 2.82 -4.65
N SER A 140 -12.25 1.65 -4.03
CA SER A 140 -13.41 0.95 -3.49
C SER A 140 -12.92 0.16 -2.28
N TRP A 141 -13.75 0.06 -1.24
CA TRP A 141 -13.34 -0.60 -0.01
C TRP A 141 -14.55 -1.16 0.75
N ALA A 142 -14.27 -2.14 1.60
CA ALA A 142 -15.27 -2.74 2.47
C ALA A 142 -15.06 -2.20 3.87
N GLN A 143 -16.08 -1.52 4.40
CA GLN A 143 -16.13 -0.91 5.73
C GLN A 143 -15.27 0.36 5.83
N HIS A 144 -13.97 0.20 5.70
CA HIS A 144 -13.01 1.27 5.80
C HIS A 144 -11.80 0.87 4.97
N ILE A 145 -11.05 1.87 4.50
CA ILE A 145 -9.77 1.60 3.85
C ILE A 145 -8.77 1.11 4.90
N ALA A 146 -8.14 -0.04 4.63
CA ALA A 146 -7.03 -0.54 5.43
C ALA A 146 -6.14 -1.35 4.49
N LEU A 147 -4.82 -1.21 4.65
CA LEU A 147 -3.88 -1.83 3.71
CA LEU A 147 -3.91 -1.85 3.73
C LEU A 147 -2.66 -2.37 4.42
N ARG A 148 -2.28 -3.59 4.04
CA ARG A 148 -0.95 -4.16 4.22
C ARG A 148 -0.46 -4.52 2.82
N LEU A 149 0.82 -4.28 2.55
N LEU A 149 0.83 -4.27 2.53
CA LEU A 149 1.37 -4.35 1.21
CA LEU A 149 1.34 -4.26 1.17
C LEU A 149 2.66 -5.16 1.13
C LEU A 149 2.69 -4.97 1.08
N GLU A 150 2.94 -5.59 -0.09
CA GLU A 150 4.28 -5.95 -0.53
C GLU A 150 4.47 -5.41 -1.94
N VAL A 151 5.70 -5.04 -2.27
CA VAL A 151 6.08 -4.63 -3.63
C VAL A 151 7.01 -5.69 -4.18
N LEU A 152 6.78 -6.10 -5.42
CA LEU A 152 7.55 -7.18 -6.05
C LEU A 152 8.36 -6.64 -7.22
N GLY A 153 9.58 -7.12 -7.38
CA GLY A 153 10.42 -6.66 -8.49
C GLY A 153 11.84 -7.11 -8.32
N CYS A 154 12.75 -6.34 -8.89
CA CYS A 154 14.17 -6.69 -8.86
C CYS A 154 14.99 -5.49 -9.29
N GLU A 155 16.30 -5.60 -9.10
CA GLU A 155 17.23 -4.58 -9.60
C GLU A 155 17.44 -4.79 -11.10
N ALA A 156 17.11 -3.78 -11.91
CA ALA A 156 17.15 -3.92 -13.35
C ALA A 156 18.55 -4.31 -13.84
N ALA A 157 19.56 -3.60 -13.38
CA ALA A 157 20.93 -3.82 -13.85
C ALA A 157 21.39 -5.25 -13.62
N SEP B . -7.12 -10.78 9.67
CA SEP B . -5.76 -10.29 9.50
CB SEP B . -5.43 -9.25 10.60
OG SEP B . -5.21 -9.88 11.86
C SEP B . -4.77 -11.46 9.52
O SEP B . -4.91 -12.38 10.33
OXT SEP B . -3.82 -11.53 8.72
P SEP B . -5.50 -8.90 13.09
O1P SEP B . -4.40 -9.14 14.25
O2P SEP B . -6.96 -9.20 13.71
O3P SEP B . -5.43 -7.37 12.61
#